data_9L50
#
_entry.id   9L50
#
_cell.length_a   81.412
_cell.length_b   84.297
_cell.length_c   104.144
_cell.angle_alpha   90.00
_cell.angle_beta   90.00
_cell.angle_gamma   90.00
#
_symmetry.space_group_name_H-M   'P 21 21 21'
#
loop_
_entity.id
_entity.type
_entity.pdbx_description
1 polymer 'ring expansion oxygenase SpoC'
2 non-polymer 'MANGANESE (II) ION'
3 non-polymer N-OXALYLGLYCINE
4 non-polymer GLYCEROL
5 water water
#
_entity_poly.entity_id   1
_entity_poly.type   'polypeptide(L)'
_entity_poly.pdbx_seq_one_letter_code
;HHHHHHSSGLVPRGSHMASMTGGQQMGRGSEFELMPGLDLEPPKTIPIVDISAFIDDNASAQAKDDVVKAMSHACSTYGF
FYLVGHGIPEVDRQQVLDCARLFASLPMDEKMGISVSKCMGQSFRGYEPPALQLHQEGLLPDTKEAFIFGREVPADHPDA
GRFSTGPNQWPSSLPDSEFRIPLLKYQEKMVELVKVILKILARGLPKEWNCPPDVFDAATVEPSIPMRLLHYAPQSEENK
KQFGVGDHTDFGNVSVLLQEEGTVGLEVWYPPTETWIPVPVISGSYVINMGDMMQKWTAGFYRSARHRVVNHNKKSRYSA
PFFLNGNIDLKCKALDGSGVETVIGEHIRQRLFETIGGEAGKKLGKTEAK
;
_entity_poly.pdbx_strand_id   A,B
#
# COMPACT_ATOMS: atom_id res chain seq x y z
N PRO A 42 21.43 7.39 4.21
CA PRO A 42 20.64 6.56 5.12
C PRO A 42 19.17 6.44 4.70
N PRO A 43 18.79 5.28 4.17
CA PRO A 43 17.40 5.10 3.74
C PRO A 43 16.43 5.26 4.91
N LYS A 44 15.27 5.83 4.60
CA LYS A 44 14.26 6.09 5.60
C LYS A 44 13.16 5.04 5.62
N THR A 45 13.08 4.21 4.58
CA THR A 45 12.01 3.22 4.44
C THR A 45 12.54 2.02 3.67
N ILE A 46 11.85 0.89 3.81
CA ILE A 46 12.07 -0.25 2.91
C ILE A 46 11.14 -0.11 1.71
N PRO A 47 11.43 -0.77 0.59
CA PRO A 47 10.63 -0.57 -0.64
C PRO A 47 9.26 -1.22 -0.56
N ILE A 48 8.35 -0.79 -1.47
CA ILE A 48 7.04 -1.40 -1.63
C ILE A 48 6.98 -2.05 -3.01
N VAL A 49 6.44 -3.27 -3.05
CA VAL A 49 6.26 -4.05 -4.27
C VAL A 49 4.78 -4.45 -4.40
N ASP A 50 4.16 -4.08 -5.51
CA ASP A 50 2.80 -4.50 -5.83
C ASP A 50 2.89 -5.66 -6.79
N ILE A 51 2.39 -6.83 -6.38
CA ILE A 51 2.49 -8.04 -7.21
C ILE A 51 1.18 -8.35 -7.95
N SER A 52 0.28 -7.37 -8.06
CA SER A 52 -0.99 -7.58 -8.78
C SER A 52 -0.75 -8.23 -10.15
N ALA A 53 0.29 -7.78 -10.86
CA ALA A 53 0.58 -8.32 -12.20
C ALA A 53 0.74 -9.84 -12.19
N PHE A 54 1.23 -10.41 -11.09
CA PHE A 54 1.37 -11.84 -10.95
C PHE A 54 0.11 -12.52 -10.38
N ILE A 55 -0.72 -11.77 -9.64
CA ILE A 55 -1.98 -12.30 -9.11
C ILE A 55 -3.12 -12.14 -10.11
N ASP A 56 -3.23 -10.99 -10.77
CA ASP A 56 -4.31 -10.72 -11.69
C ASP A 56 -4.06 -11.39 -13.03
N ASP A 57 -5.12 -11.55 -13.81
CA ASP A 57 -5.00 -12.15 -15.14
C ASP A 57 -4.71 -11.09 -16.20
N ASN A 58 -4.04 -11.53 -17.27
CA ASN A 58 -3.79 -10.70 -18.45
C ASN A 58 -3.06 -9.42 -18.10
N ALA A 59 -1.98 -9.55 -17.34
CA ALA A 59 -1.10 -8.41 -17.09
C ALA A 59 -0.01 -8.39 -18.14
N SER A 60 0.42 -7.18 -18.50
CA SER A 60 1.42 -7.07 -19.55
C SER A 60 2.74 -7.65 -19.06
N ALA A 61 3.58 -8.07 -20.01
CA ALA A 61 4.91 -8.58 -19.68
C ALA A 61 5.83 -7.49 -19.16
N GLN A 62 5.61 -6.24 -19.57
CA GLN A 62 6.38 -5.14 -19.02
C GLN A 62 5.99 -4.88 -17.56
N ALA A 63 4.70 -4.99 -17.26
CA ALA A 63 4.26 -4.83 -15.87
C ALA A 63 4.83 -5.94 -14.98
N LYS A 64 4.81 -7.18 -15.46
CA LYS A 64 5.40 -8.28 -14.69
C LYS A 64 6.90 -8.09 -14.51
N ASP A 65 7.60 -7.71 -15.58
CA ASP A 65 9.02 -7.47 -15.47
C ASP A 65 9.34 -6.34 -14.48
N ASP A 66 8.49 -5.30 -14.44
CA ASP A 66 8.68 -4.26 -13.45
C ASP A 66 8.58 -4.82 -12.04
N VAL A 67 7.61 -5.71 -11.80
CA VAL A 67 7.48 -6.33 -10.48
C VAL A 67 8.76 -7.09 -10.14
N VAL A 68 9.22 -7.89 -11.09
CA VAL A 68 10.41 -8.71 -10.90
C VAL A 68 11.61 -7.84 -10.52
N LYS A 69 11.85 -6.77 -11.28
CA LYS A 69 13.01 -5.93 -11.01
C LYS A 69 12.91 -5.27 -9.64
N ALA A 70 11.70 -4.80 -9.28
CA ALA A 70 11.51 -4.12 -8.00
C ALA A 70 11.76 -5.07 -6.83
N MET A 71 11.18 -6.28 -6.90
CA MET A 71 11.36 -7.23 -5.79
C MET A 71 12.81 -7.68 -5.68
N SER A 72 13.45 -7.95 -6.82
CA SER A 72 14.85 -8.37 -6.81
C SER A 72 15.74 -7.32 -6.18
N HIS A 73 15.57 -6.06 -6.58
CA HIS A 73 16.38 -4.99 -6.00
C HIS A 73 16.15 -4.88 -4.50
N ALA A 74 14.88 -4.95 -4.08
CA ALA A 74 14.61 -4.83 -2.65
C ALA A 74 15.29 -5.95 -1.87
N CYS A 75 15.22 -7.18 -2.39
CA CYS A 75 15.72 -8.32 -1.65
C CYS A 75 17.24 -8.43 -1.71
N SER A 76 17.87 -7.90 -2.76
CA SER A 76 19.33 -7.89 -2.78
C SER A 76 19.91 -6.66 -2.10
N THR A 77 19.11 -5.64 -1.80
CA THR A 77 19.64 -4.47 -1.09
C THR A 77 19.31 -4.52 0.39
N TYR A 78 18.03 -4.56 0.72
CA TYR A 78 17.57 -4.46 2.09
C TYR A 78 17.17 -5.79 2.69
N GLY A 79 16.84 -6.78 1.86
CA GLY A 79 16.29 -8.03 2.35
C GLY A 79 14.85 -7.97 2.82
N PHE A 80 14.19 -6.84 2.64
CA PHE A 80 12.88 -6.55 3.20
C PHE A 80 12.08 -5.72 2.20
N PHE A 81 10.78 -5.90 2.18
CA PHE A 81 9.90 -5.00 1.42
C PHE A 81 8.46 -5.16 1.87
N TYR A 82 7.67 -4.10 1.69
CA TYR A 82 6.22 -4.21 1.83
C TYR A 82 5.66 -4.84 0.56
N LEU A 83 4.67 -5.69 0.71
CA LEU A 83 4.01 -6.33 -0.42
C LEU A 83 2.55 -5.97 -0.37
N VAL A 84 2.03 -5.45 -1.50
CA VAL A 84 0.61 -5.22 -1.65
C VAL A 84 0.16 -5.90 -2.95
N GLY A 85 -1.15 -5.97 -3.13
CA GLY A 85 -1.71 -6.62 -4.31
C GLY A 85 -1.76 -8.14 -4.23
N HIS A 86 -1.60 -8.71 -3.03
CA HIS A 86 -1.56 -10.16 -2.88
C HIS A 86 -2.91 -10.81 -3.05
N GLY A 87 -4.00 -10.05 -2.98
CA GLY A 87 -5.33 -10.61 -3.17
C GLY A 87 -5.94 -11.29 -1.96
N ILE A 88 -5.26 -11.33 -0.83
CA ILE A 88 -5.89 -11.90 0.36
C ILE A 88 -6.87 -10.91 0.96
N PRO A 89 -8.15 -11.29 1.09
CA PRO A 89 -9.16 -10.34 1.58
C PRO A 89 -8.78 -9.75 2.93
N GLU A 90 -9.06 -8.45 3.08
CA GLU A 90 -8.80 -7.79 4.35
C GLU A 90 -9.58 -8.44 5.49
N VAL A 91 -10.77 -8.99 5.21
CA VAL A 91 -11.52 -9.63 6.28
C VAL A 91 -10.78 -10.87 6.80
N ASP A 92 -10.09 -11.60 5.91
CA ASP A 92 -9.30 -12.76 6.32
C ASP A 92 -8.12 -12.35 7.21
N ARG A 93 -7.42 -11.28 6.83
CA ARG A 93 -6.32 -10.76 7.65
C ARG A 93 -6.82 -10.32 9.02
N GLN A 94 -7.93 -9.57 9.04
CA GLN A 94 -8.48 -9.14 10.33
C GLN A 94 -8.96 -10.34 11.15
N GLN A 95 -9.48 -11.37 10.49
CA GLN A 95 -9.87 -12.56 11.23
C GLN A 95 -8.68 -13.23 11.87
N VAL A 96 -7.53 -13.27 11.18
CA VAL A 96 -6.33 -13.84 11.79
C VAL A 96 -5.89 -13.06 13.02
N LEU A 97 -5.91 -11.72 12.94
CA LEU A 97 -5.54 -10.96 14.13
C LEU A 97 -6.54 -11.19 15.26
N ASP A 98 -7.83 -11.35 14.92
CA ASP A 98 -8.84 -11.67 15.93
C ASP A 98 -8.58 -13.04 16.57
N CYS A 99 -8.11 -14.01 15.79
CA CYS A 99 -7.73 -15.32 16.35
C CYS A 99 -6.59 -15.18 17.35
N ALA A 100 -5.61 -14.35 17.01
CA ALA A 100 -4.53 -14.04 17.96
C ALA A 100 -5.09 -13.50 19.28
N ARG A 101 -6.02 -12.55 19.19
CA ARG A 101 -6.62 -11.99 20.39
C ARG A 101 -7.45 -13.01 21.16
N LEU A 102 -8.19 -13.86 20.45
CA LEU A 102 -9.00 -14.88 21.10
C LEU A 102 -8.14 -15.87 21.86
N PHE A 103 -7.08 -16.37 21.22
CA PHE A 103 -6.18 -17.28 21.91
C PHE A 103 -5.56 -16.64 23.14
N ALA A 104 -5.02 -15.43 23.01
CA ALA A 104 -4.39 -14.80 24.16
C ALA A 104 -5.37 -14.61 25.31
N SER A 105 -6.67 -14.47 25.02
CA SER A 105 -7.68 -14.28 26.06
C SER A 105 -7.91 -15.53 26.89
N LEU A 106 -7.39 -16.67 26.46
CA LEU A 106 -7.56 -17.88 27.24
C LEU A 106 -6.78 -17.77 28.55
N PRO A 107 -7.25 -18.42 29.60
CA PRO A 107 -6.51 -18.40 30.86
C PRO A 107 -5.21 -19.18 30.74
N MET A 108 -4.23 -18.80 31.57
CA MET A 108 -2.89 -19.36 31.46
C MET A 108 -2.88 -20.88 31.59
N ASP A 109 -3.72 -21.45 32.44
CA ASP A 109 -3.73 -22.91 32.59
C ASP A 109 -4.17 -23.61 31.31
N GLU A 110 -5.19 -23.08 30.63
CA GLU A 110 -5.61 -23.68 29.36
C GLU A 110 -4.52 -23.55 28.29
N LYS A 111 -3.94 -22.36 28.14
CA LYS A 111 -2.83 -22.22 27.20
C LYS A 111 -1.68 -23.16 27.54
N MET A 112 -1.33 -23.27 28.82
CA MET A 112 -0.25 -24.16 29.23
C MET A 112 -0.59 -25.61 28.93
N GLY A 113 -1.89 -25.92 28.86
CA GLY A 113 -2.31 -27.26 28.48
C GLY A 113 -1.81 -27.71 27.12
N ILE A 114 -1.52 -26.77 26.21
CA ILE A 114 -0.96 -27.13 24.92
C ILE A 114 0.40 -26.46 24.74
N SER A 115 1.14 -26.31 25.84
CA SER A 115 2.49 -25.78 25.79
C SER A 115 3.33 -26.52 24.75
N VAL A 116 4.25 -25.79 24.11
CA VAL A 116 5.16 -26.41 23.16
C VAL A 116 5.99 -27.50 23.82
N SER A 117 6.13 -27.48 25.15
CA SER A 117 6.80 -28.58 25.85
C SER A 117 6.09 -29.91 25.58
N LYS A 118 4.79 -29.88 25.34
CA LYS A 118 4.03 -31.11 25.20
C LYS A 118 3.91 -31.56 23.75
N CYS A 119 4.51 -30.85 22.79
CA CYS A 119 4.37 -31.28 21.42
C CYS A 119 5.22 -32.53 21.20
N MET A 120 5.14 -33.06 19.98
CA MET A 120 5.86 -34.28 19.63
C MET A 120 7.26 -33.96 19.11
N GLY A 121 8.26 -34.47 19.81
CA GLY A 121 9.64 -34.34 19.33
C GLY A 121 10.04 -32.89 19.16
N GLN A 122 10.63 -32.59 18.01
CA GLN A 122 11.02 -31.22 17.67
C GLN A 122 10.05 -30.57 16.69
N SER A 123 8.75 -30.92 16.78
CA SER A 123 7.78 -30.30 15.87
C SER A 123 7.54 -28.84 16.24
N PHE A 124 7.70 -28.49 17.52
CA PHE A 124 7.59 -27.13 18.07
C PHE A 124 6.22 -26.53 17.73
N ARG A 125 5.20 -27.13 18.30
CA ARG A 125 3.82 -26.71 18.07
C ARG A 125 3.14 -26.47 19.40
N GLY A 126 2.32 -25.41 19.45
CA GLY A 126 1.48 -25.14 20.60
C GLY A 126 1.79 -23.78 21.19
N TYR A 127 1.74 -23.71 22.52
CA TYR A 127 1.78 -22.43 23.22
C TYR A 127 3.19 -22.13 23.70
N GLU A 128 3.72 -20.98 23.28
CA GLU A 128 5.01 -20.51 23.76
C GLU A 128 4.76 -19.47 24.85
N PRO A 129 5.02 -19.78 26.11
CA PRO A 129 4.60 -18.93 27.23
C PRO A 129 5.52 -17.74 27.42
N PRO A 130 5.10 -16.75 28.20
CA PRO A 130 6.01 -15.63 28.50
C PRO A 130 7.18 -16.08 29.36
N ALA A 131 8.20 -15.24 29.39
CA ALA A 131 9.40 -15.58 30.16
C ALA A 131 9.14 -15.50 31.66
N LEU A 132 8.21 -14.65 32.08
CA LEU A 132 7.78 -14.55 33.47
C LEU A 132 6.26 -14.42 33.50
N GLN A 133 5.62 -14.99 34.52
CA GLN A 133 4.17 -14.86 34.67
C GLN A 133 3.80 -14.98 36.14
N LEU A 134 2.67 -14.38 36.50
CA LEU A 134 2.14 -14.46 37.86
C LEU A 134 0.64 -14.69 37.92
N HIS A 135 -0.13 -14.33 36.90
CA HIS A 135 -1.58 -14.40 36.96
C HIS A 135 -2.12 -15.27 35.84
N GLN A 136 -3.33 -15.78 36.06
CA GLN A 136 -4.01 -16.59 35.04
C GLN A 136 -4.38 -15.77 33.82
N GLU A 137 -4.77 -14.51 34.03
CA GLU A 137 -5.26 -13.68 32.95
C GLU A 137 -4.14 -12.75 32.49
N GLY A 138 -3.97 -12.65 31.18
CA GLY A 138 -3.16 -11.63 30.58
C GLY A 138 -1.67 -11.85 30.72
N LEU A 139 -0.92 -10.77 30.50
CA LEU A 139 0.52 -10.78 30.48
C LEU A 139 1.09 -9.66 31.34
N LEU A 140 2.24 -9.94 31.93
CA LEU A 140 3.03 -8.90 32.55
C LEU A 140 3.67 -8.03 31.47
N PRO A 141 3.85 -6.74 31.75
CA PRO A 141 4.51 -5.85 30.77
C PRO A 141 5.89 -6.38 30.40
N ASP A 142 6.36 -6.01 29.21
CA ASP A 142 7.67 -6.44 28.71
CA ASP A 142 7.67 -6.46 28.71
C ASP A 142 7.75 -7.97 28.58
N THR A 143 6.62 -8.63 28.32
CA THR A 143 6.62 -10.06 28.01
C THR A 143 5.80 -10.27 26.74
N LYS A 144 5.86 -11.50 26.22
N LYS A 144 5.86 -11.50 26.22
CA LYS A 144 5.08 -11.86 25.05
CA LYS A 144 5.07 -11.86 25.05
C LYS A 144 4.69 -13.33 25.15
C LYS A 144 4.70 -13.33 25.14
N GLU A 145 3.70 -13.71 24.35
CA GLU A 145 3.29 -15.11 24.25
C GLU A 145 2.92 -15.39 22.81
N ALA A 146 2.88 -16.68 22.46
CA ALA A 146 2.52 -16.98 21.07
C ALA A 146 1.81 -18.32 20.98
N PHE A 147 0.98 -18.44 19.95
CA PHE A 147 0.48 -19.74 19.51
C PHE A 147 1.17 -20.07 18.20
N ILE A 148 1.75 -21.27 18.10
CA ILE A 148 2.47 -21.66 16.90
C ILE A 148 1.84 -22.92 16.31
N PHE A 149 1.60 -22.89 15.00
CA PHE A 149 1.10 -24.07 14.32
C PHE A 149 1.75 -24.16 12.95
N GLY A 150 1.75 -25.36 12.37
CA GLY A 150 2.40 -25.57 11.10
C GLY A 150 1.65 -26.54 10.21
N ARG A 151 2.36 -27.13 9.24
CA ARG A 151 1.74 -28.13 8.38
C ARG A 151 1.30 -29.34 9.22
N GLU A 152 0.05 -29.77 9.03
CA GLU A 152 -0.51 -30.85 9.84
C GLU A 152 0.05 -32.19 9.36
N VAL A 153 0.83 -32.86 10.20
CA VAL A 153 1.39 -34.18 9.89
C VAL A 153 0.92 -35.16 10.96
N PRO A 154 0.34 -36.30 10.58
CA PRO A 154 -0.19 -37.23 11.59
C PRO A 154 0.89 -37.80 12.50
N ALA A 155 0.50 -38.07 13.75
CA ALA A 155 1.42 -38.57 14.75
C ALA A 155 2.09 -39.87 14.35
N ASP A 156 1.43 -40.70 13.57
CA ASP A 156 2.01 -41.98 13.17
C ASP A 156 2.82 -41.90 11.90
N HIS A 157 2.91 -40.72 11.29
CA HIS A 157 3.76 -40.55 10.11
C HIS A 157 5.23 -40.74 10.50
N PRO A 158 6.02 -41.40 9.66
CA PRO A 158 7.43 -41.65 10.02
C PRO A 158 8.23 -40.38 10.32
N ASP A 159 7.90 -39.25 9.68
CA ASP A 159 8.59 -38.00 9.91
C ASP A 159 8.08 -37.24 11.13
N ALA A 160 7.02 -37.72 11.78
CA ALA A 160 6.43 -36.98 12.89
C ALA A 160 7.41 -36.91 14.05
N GLY A 161 7.62 -35.70 14.58
CA GLY A 161 8.60 -35.45 15.63
C GLY A 161 9.96 -35.03 15.13
N ARG A 162 10.24 -35.22 13.83
CA ARG A 162 11.43 -34.63 13.26
C ARG A 162 11.32 -33.11 13.29
N PHE A 163 12.40 -32.45 12.89
CA PHE A 163 12.47 -30.99 12.99
C PHE A 163 11.29 -30.32 12.30
N SER A 164 10.57 -29.51 13.08
CA SER A 164 9.49 -28.66 12.59
C SER A 164 8.41 -29.47 11.88
N THR A 165 8.29 -30.75 12.23
CA THR A 165 7.39 -31.66 11.54
C THR A 165 6.61 -32.50 12.55
N GLY A 166 5.28 -32.52 12.42
CA GLY A 166 4.43 -33.24 13.35
C GLY A 166 3.03 -32.68 13.42
N PRO A 167 2.22 -33.18 14.35
CA PRO A 167 0.83 -32.72 14.47
C PRO A 167 0.71 -31.43 15.26
N ASN A 168 -0.30 -30.63 14.90
CA ASN A 168 -0.51 -29.40 15.65
C ASN A 168 -1.20 -29.69 16.98
N GLN A 169 -1.05 -28.77 17.92
CA GLN A 169 -1.83 -28.75 19.14
C GLN A 169 -2.88 -27.67 19.05
N TRP A 170 -4.13 -28.02 19.32
CA TRP A 170 -5.21 -27.06 19.23
C TRP A 170 -5.87 -26.87 20.59
N PRO A 171 -6.14 -25.63 21.03
CA PRO A 171 -6.84 -25.43 22.30
C PRO A 171 -8.27 -25.94 22.19
N SER A 172 -8.63 -26.86 23.06
CA SER A 172 -9.92 -27.52 22.96
C SER A 172 -11.09 -26.59 23.25
N SER A 173 -10.88 -25.52 24.01
CA SER A 173 -12.01 -24.68 24.36
C SER A 173 -12.43 -23.74 23.24
N LEU A 174 -11.64 -23.64 22.14
CA LEU A 174 -12.05 -22.70 21.10
C LEU A 174 -12.75 -23.45 19.98
N PRO A 175 -13.95 -23.02 19.57
CA PRO A 175 -14.66 -23.68 18.48
C PRO A 175 -13.90 -23.60 17.16
N ASP A 176 -14.02 -24.65 16.36
CA ASP A 176 -13.26 -24.73 15.12
C ASP A 176 -13.59 -23.59 14.19
N SER A 177 -14.87 -23.28 14.03
CA SER A 177 -15.29 -22.15 13.22
C SER A 177 -14.66 -20.84 13.68
N GLU A 178 -14.18 -20.79 14.92
CA GLU A 178 -13.64 -19.57 15.49
C GLU A 178 -12.12 -19.55 15.54
N PHE A 179 -11.45 -20.67 15.28
CA PHE A 179 -10.01 -20.71 15.43
C PHE A 179 -9.33 -21.62 14.40
N ARG A 180 -9.40 -22.94 14.61
CA ARG A 180 -8.61 -23.86 13.78
C ARG A 180 -8.98 -23.75 12.31
N ILE A 181 -10.27 -23.63 12.00
CA ILE A 181 -10.68 -23.61 10.59
C ILE A 181 -10.16 -22.38 9.85
N PRO A 182 -10.38 -21.14 10.32
CA PRO A 182 -9.85 -19.99 9.58
C PRO A 182 -8.35 -19.97 9.55
N LEU A 183 -7.70 -20.52 10.58
CA LEU A 183 -6.24 -20.55 10.56
C LEU A 183 -5.73 -21.50 9.50
N LEU A 184 -6.36 -22.66 9.34
CA LEU A 184 -5.90 -23.59 8.31
C LEU A 184 -6.22 -23.07 6.91
N LYS A 185 -7.37 -22.39 6.75
CA LYS A 185 -7.65 -21.78 5.45
C LYS A 185 -6.64 -20.67 5.12
N TYR A 186 -6.31 -19.85 6.12
CA TYR A 186 -5.30 -18.81 5.95
C TYR A 186 -3.94 -19.40 5.62
N GLN A 187 -3.61 -20.53 6.26
CA GLN A 187 -2.36 -21.21 5.94
C GLN A 187 -2.32 -21.60 4.46
N GLU A 188 -3.43 -22.12 3.95
CA GLU A 188 -3.54 -22.37 2.51
C GLU A 188 -3.19 -21.13 1.69
N LYS A 189 -3.78 -19.98 2.07
CA LYS A 189 -3.54 -18.75 1.35
C LYS A 189 -2.10 -18.28 1.45
N MET A 190 -1.47 -18.48 2.62
CA MET A 190 -0.06 -18.11 2.79
C MET A 190 0.83 -18.96 1.90
N VAL A 191 0.50 -20.24 1.78
CA VAL A 191 1.28 -21.14 0.93
C VAL A 191 1.18 -20.68 -0.53
N GLU A 192 -0.04 -20.39 -1.00
CA GLU A 192 -0.18 -19.86 -2.36
C GLU A 192 0.64 -18.58 -2.55
N LEU A 193 0.59 -17.69 -1.56
CA LEU A 193 1.28 -16.41 -1.70
C LEU A 193 2.80 -16.58 -1.77
N VAL A 194 3.37 -17.42 -0.90
CA VAL A 194 4.82 -17.55 -0.96
C VAL A 194 5.24 -18.26 -2.24
N LYS A 195 4.40 -19.14 -2.80
CA LYS A 195 4.76 -19.73 -4.08
C LYS A 195 4.89 -18.66 -5.15
N VAL A 196 3.95 -17.70 -5.18
CA VAL A 196 4.04 -16.60 -6.14
C VAL A 196 5.31 -15.78 -5.88
N ILE A 197 5.55 -15.44 -4.60
CA ILE A 197 6.74 -14.67 -4.24
C ILE A 197 7.99 -15.36 -4.75
N LEU A 198 8.08 -16.69 -4.53
CA LEU A 198 9.26 -17.44 -4.95
C LEU A 198 9.44 -17.42 -6.45
N LYS A 199 8.35 -17.49 -7.21
CA LYS A 199 8.50 -17.40 -8.67
C LYS A 199 9.05 -16.02 -9.07
N ILE A 200 8.55 -14.96 -8.45
CA ILE A 200 9.08 -13.63 -8.77
C ILE A 200 10.56 -13.56 -8.41
N LEU A 201 10.93 -14.08 -7.22
CA LEU A 201 12.35 -14.10 -6.82
C LEU A 201 13.21 -14.89 -7.79
N ALA A 202 12.71 -16.01 -8.30
CA ALA A 202 13.53 -16.80 -9.21
C ALA A 202 13.76 -16.05 -10.51
N ARG A 203 12.74 -15.33 -10.98
CA ARG A 203 12.93 -14.51 -12.17
C ARG A 203 13.82 -13.30 -11.92
N GLY A 204 14.08 -12.95 -10.66
CA GLY A 204 14.93 -11.81 -10.37
C GLY A 204 16.40 -12.10 -10.16
N LEU A 205 16.83 -13.37 -10.20
CA LEU A 205 18.22 -13.74 -9.99
C LEU A 205 19.08 -13.29 -11.17
N PRO A 206 20.40 -13.21 -10.98
CA PRO A 206 21.29 -12.80 -12.08
C PRO A 206 21.05 -13.61 -13.35
N LYS A 207 20.98 -12.92 -14.48
CA LYS A 207 20.67 -13.60 -15.73
C LYS A 207 21.75 -14.58 -16.13
N GLU A 208 23.02 -14.31 -15.78
CA GLU A 208 24.11 -15.22 -16.11
C GLU A 208 24.03 -16.56 -15.40
N TRP A 209 23.19 -16.68 -14.37
CA TRP A 209 23.07 -17.93 -13.65
C TRP A 209 22.18 -18.93 -14.38
N ASN A 210 21.34 -18.47 -15.31
CA ASN A 210 20.40 -19.34 -16.04
C ASN A 210 19.58 -20.23 -15.11
N CYS A 211 18.85 -19.58 -14.19
CA CYS A 211 17.95 -20.23 -13.25
C CYS A 211 16.53 -20.24 -13.78
N PRO A 212 15.85 -21.37 -13.78
CA PRO A 212 14.46 -21.41 -14.23
C PRO A 212 13.56 -20.65 -13.26
N PRO A 213 12.37 -20.22 -13.69
CA PRO A 213 11.47 -19.54 -12.75
C PRO A 213 10.98 -20.44 -11.62
N ASP A 214 11.11 -21.76 -11.78
CA ASP A 214 10.66 -22.72 -10.78
C ASP A 214 11.80 -23.25 -9.90
N VAL A 215 12.95 -22.57 -9.86
CA VAL A 215 14.12 -23.15 -9.17
C VAL A 215 13.83 -23.39 -7.69
N PHE A 216 12.97 -22.58 -7.08
CA PHE A 216 12.72 -22.70 -5.64
C PHE A 216 11.54 -23.60 -5.32
N ASP A 217 10.83 -24.10 -6.33
CA ASP A 217 9.50 -24.66 -6.08
C ASP A 217 9.56 -25.94 -5.24
N ALA A 218 10.66 -26.69 -5.34
CA ALA A 218 10.78 -27.94 -4.59
C ALA A 218 10.88 -27.70 -3.09
N ALA A 219 11.23 -26.48 -2.67
CA ALA A 219 11.17 -26.17 -1.25
C ALA A 219 9.74 -26.13 -0.74
N THR A 220 8.76 -25.88 -1.62
CA THR A 220 7.39 -25.74 -1.18
C THR A 220 6.63 -27.06 -1.12
N VAL A 221 7.27 -28.19 -1.38
CA VAL A 221 6.59 -29.48 -1.25
C VAL A 221 6.88 -30.05 0.14
N GLU A 222 5.81 -30.47 0.83
CA GLU A 222 5.78 -30.94 2.20
C GLU A 222 6.64 -30.05 3.11
N PRO A 223 6.46 -28.74 3.08
CA PRO A 223 7.41 -27.85 3.74
C PRO A 223 7.13 -27.66 5.21
N SER A 224 8.16 -27.20 5.90
CA SER A 224 8.05 -26.61 7.22
C SER A 224 7.54 -25.19 7.07
N ILE A 225 6.33 -24.93 7.54
CA ILE A 225 5.67 -23.63 7.38
C ILE A 225 5.09 -23.16 8.71
N PRO A 226 5.91 -22.87 9.72
CA PRO A 226 5.34 -22.43 11.00
C PRO A 226 4.72 -21.05 10.87
N MET A 227 3.62 -20.85 11.59
CA MET A 227 2.99 -19.55 11.71
C MET A 227 2.76 -19.27 13.18
N ARG A 228 2.97 -18.03 13.59
CA ARG A 228 2.77 -17.62 14.96
C ARG A 228 1.69 -16.56 15.05
N LEU A 229 0.86 -16.69 16.08
CA LEU A 229 -0.07 -15.67 16.54
C LEU A 229 0.58 -15.08 17.79
N LEU A 230 1.16 -13.89 17.63
CA LEU A 230 1.97 -13.29 18.65
C LEU A 230 1.16 -12.23 19.39
N HIS A 231 1.30 -12.22 20.72
CA HIS A 231 0.73 -11.20 21.59
C HIS A 231 1.87 -10.57 22.40
N TYR A 232 2.15 -9.30 22.15
CA TYR A 232 3.12 -8.55 22.94
C TYR A 232 2.38 -7.72 23.99
N ALA A 233 2.83 -7.81 25.23
CA ALA A 233 2.29 -6.98 26.28
C ALA A 233 2.79 -5.54 26.12
N PRO A 234 2.14 -4.58 26.76
CA PRO A 234 2.63 -3.20 26.71
C PRO A 234 4.03 -3.10 27.31
N GLN A 235 4.72 -2.00 27.01
CA GLN A 235 6.01 -1.80 27.62
C GLN A 235 5.84 -1.60 29.13
N SER A 236 6.91 -1.79 29.89
CA SER A 236 6.81 -1.45 31.29
C SER A 236 7.22 0.00 31.50
N GLU A 237 7.16 0.43 32.76
CA GLU A 237 7.58 1.78 33.10
C GLU A 237 9.10 1.93 33.26
N GLU A 238 9.86 0.83 33.31
CA GLU A 238 11.31 0.97 33.49
C GLU A 238 11.92 1.84 32.40
N ASN A 239 13.01 2.52 32.74
CA ASN A 239 13.58 3.56 31.87
C ASN A 239 14.70 3.03 31.00
N LYS A 240 14.46 1.91 30.32
CA LYS A 240 15.45 1.30 29.46
C LYS A 240 14.72 0.79 28.24
N LYS A 241 15.43 0.69 27.12
CA LYS A 241 14.82 0.23 25.87
C LYS A 241 14.32 -1.20 26.03
N GLN A 242 13.13 -1.46 25.49
CA GLN A 242 12.50 -2.77 25.58
C GLN A 242 12.08 -3.23 24.20
N PHE A 243 12.11 -4.54 23.99
CA PHE A 243 11.89 -5.12 22.67
C PHE A 243 10.85 -6.23 22.73
N GLY A 244 9.96 -6.24 21.75
CA GLY A 244 9.13 -7.41 21.52
C GLY A 244 9.94 -8.58 20.98
N VAL A 245 10.94 -8.28 20.15
CA VAL A 245 11.91 -9.25 19.66
C VAL A 245 13.27 -8.58 19.57
N GLY A 246 14.30 -9.25 20.08
N GLY A 246 14.30 -9.25 20.08
CA GLY A 246 15.64 -8.73 19.97
CA GLY A 246 15.64 -8.73 19.97
C GLY A 246 16.24 -8.93 18.59
C GLY A 246 16.24 -8.93 18.59
N ASP A 247 17.41 -8.33 18.42
CA ASP A 247 18.15 -8.37 17.16
C ASP A 247 18.40 -9.80 16.69
N HIS A 248 17.89 -10.14 15.50
CA HIS A 248 18.02 -11.50 14.98
C HIS A 248 17.85 -11.51 13.47
N THR A 249 18.13 -12.67 12.88
CA THR A 249 17.73 -12.99 11.50
C THR A 249 16.76 -14.17 11.55
N ASP A 250 15.83 -14.21 10.59
CA ASP A 250 15.02 -15.40 10.40
C ASP A 250 15.87 -16.45 9.70
N PHE A 251 15.67 -17.72 10.04
CA PHE A 251 16.56 -18.77 9.54
C PHE A 251 16.10 -19.39 8.23
N GLY A 252 14.84 -19.23 7.85
CA GLY A 252 14.26 -19.97 6.74
C GLY A 252 14.42 -19.31 5.40
N ASN A 253 13.41 -19.50 4.55
CA ASN A 253 13.48 -18.95 3.20
C ASN A 253 12.73 -17.63 3.06
N VAL A 254 11.41 -17.63 3.27
CA VAL A 254 10.64 -16.40 3.12
C VAL A 254 9.78 -16.22 4.36
N SER A 255 9.72 -15.00 4.88
CA SER A 255 8.85 -14.69 6.01
C SER A 255 7.83 -13.65 5.56
N VAL A 256 6.59 -13.82 6.04
CA VAL A 256 5.42 -13.01 5.63
C VAL A 256 4.75 -12.53 6.91
N LEU A 257 4.86 -11.23 7.20
CA LEU A 257 4.43 -10.69 8.49
C LEU A 257 3.18 -9.85 8.30
N LEU A 258 2.12 -10.22 9.01
CA LEU A 258 0.93 -9.37 9.10
C LEU A 258 1.05 -8.54 10.39
N GLN A 259 1.05 -7.20 10.24
CA GLN A 259 1.11 -6.29 11.36
C GLN A 259 -0.27 -5.76 11.73
N GLU A 260 -0.42 -5.37 13.00
CA GLU A 260 -1.62 -4.72 13.50
C GLU A 260 -1.43 -3.21 13.43
N GLU A 261 -2.53 -2.48 13.15
CA GLU A 261 -2.43 -1.03 13.18
C GLU A 261 -1.97 -0.58 14.56
N GLY A 262 -1.02 0.33 14.61
CA GLY A 262 -0.45 0.71 15.90
C GLY A 262 0.92 1.36 15.74
N THR A 263 1.64 1.39 16.86
CA THR A 263 2.96 2.00 16.95
C THR A 263 4.01 1.24 16.14
N VAL A 264 5.08 1.94 15.78
CA VAL A 264 6.17 1.29 15.07
C VAL A 264 6.92 0.40 16.05
N GLY A 265 7.07 -0.86 15.69
CA GLY A 265 7.98 -1.72 16.40
C GLY A 265 9.12 -2.13 15.50
N LEU A 266 8.76 -2.58 14.31
CA LEU A 266 9.71 -3.27 13.47
C LEU A 266 10.74 -2.30 12.91
N GLU A 267 12.01 -2.70 13.01
CA GLU A 267 13.15 -1.99 12.46
C GLU A 267 14.07 -3.00 11.79
N VAL A 268 14.68 -2.56 10.69
CA VAL A 268 15.54 -3.40 9.86
C VAL A 268 16.94 -2.81 9.84
N TRP A 269 17.93 -3.63 10.17
CA TRP A 269 19.32 -3.17 10.21
C TRP A 269 19.88 -3.08 8.80
N TYR A 270 20.33 -1.90 8.42
CA TYR A 270 20.96 -1.67 7.11
C TYR A 270 22.43 -1.39 7.34
N PRO A 271 23.31 -2.33 7.00
CA PRO A 271 24.74 -2.20 7.33
C PRO A 271 25.42 -1.03 6.66
N PRO A 272 25.20 -0.77 5.36
CA PRO A 272 26.04 0.25 4.69
C PRO A 272 26.01 1.60 5.38
N THR A 273 24.86 2.04 5.88
CA THR A 273 24.78 3.26 6.67
C THR A 273 24.73 2.97 8.16
N GLU A 274 24.74 1.68 8.55
CA GLU A 274 24.67 1.28 9.95
C GLU A 274 23.47 1.91 10.65
N THR A 275 22.28 1.75 10.06
CA THR A 275 21.11 2.41 10.60
C THR A 275 19.94 1.44 10.67
N TRP A 276 19.08 1.64 11.68
CA TRP A 276 17.84 0.89 11.80
C TRP A 276 16.74 1.63 11.04
N ILE A 277 16.21 0.97 10.00
CA ILE A 277 15.11 1.51 9.20
C ILE A 277 13.80 1.15 9.88
N PRO A 278 12.96 2.11 10.24
CA PRO A 278 11.65 1.78 10.78
C PRO A 278 10.71 1.26 9.70
N VAL A 279 9.82 0.34 10.11
CA VAL A 279 8.87 -0.28 9.19
C VAL A 279 7.46 -0.11 9.76
N PRO A 280 6.87 1.08 9.63
CA PRO A 280 5.50 1.29 10.13
C PRO A 280 4.48 0.45 9.39
N VAL A 281 3.33 0.30 10.01
CA VAL A 281 2.22 -0.44 9.40
C VAL A 281 1.70 0.31 8.19
N ILE A 282 1.49 -0.41 7.09
CA ILE A 282 0.87 0.13 5.88
C ILE A 282 -0.38 -0.69 5.60
N SER A 283 -1.53 -0.03 5.57
CA SER A 283 -2.79 -0.72 5.31
C SER A 283 -2.69 -1.59 4.05
N GLY A 284 -3.22 -2.82 4.14
CA GLY A 284 -3.27 -3.76 3.04
C GLY A 284 -1.99 -4.54 2.77
N SER A 285 -0.89 -4.23 3.44
CA SER A 285 0.39 -4.82 3.08
C SER A 285 0.74 -5.98 4.00
N TYR A 286 1.66 -6.83 3.52
CA TYR A 286 2.49 -7.67 4.38
C TYR A 286 3.91 -7.15 4.37
N VAL A 287 4.67 -7.37 5.44
CA VAL A 287 6.11 -7.12 5.40
C VAL A 287 6.79 -8.44 5.05
N ILE A 288 7.54 -8.48 3.94
CA ILE A 288 8.19 -9.71 3.48
C ILE A 288 9.68 -9.57 3.74
N ASN A 289 10.31 -10.65 4.21
CA ASN A 289 11.76 -10.63 4.28
C ASN A 289 12.33 -12.00 3.95
N MET A 290 13.56 -11.97 3.46
CA MET A 290 14.31 -13.19 3.19
C MET A 290 14.93 -13.71 4.46
N GLY A 291 15.02 -15.04 4.57
CA GLY A 291 15.68 -15.68 5.69
C GLY A 291 17.07 -16.19 5.32
N ASP A 292 17.78 -16.71 6.33
CA ASP A 292 19.16 -17.16 6.12
C ASP A 292 19.26 -18.27 5.07
N MET A 293 18.25 -19.13 4.96
CA MET A 293 18.37 -20.21 3.98
C MET A 293 18.30 -19.66 2.56
N MET A 294 17.43 -18.67 2.32
CA MET A 294 17.38 -18.05 0.99
C MET A 294 18.70 -17.39 0.65
N GLN A 295 19.26 -16.63 1.60
CA GLN A 295 20.58 -16.03 1.43
C GLN A 295 21.64 -17.09 1.09
N LYS A 296 21.62 -18.23 1.78
CA LYS A 296 22.57 -19.31 1.48
C LYS A 296 22.34 -19.89 0.08
N TRP A 297 21.09 -20.21 -0.24
CA TRP A 297 20.72 -20.80 -1.52
C TRP A 297 21.19 -19.96 -2.70
N THR A 298 21.04 -18.64 -2.58
CA THR A 298 21.38 -17.71 -3.64
C THR A 298 22.79 -17.17 -3.52
N ALA A 299 23.63 -17.80 -2.70
CA ALA A 299 25.04 -17.43 -2.56
C ALA A 299 25.20 -15.97 -2.16
N GLY A 300 24.31 -15.48 -1.30
CA GLY A 300 24.40 -14.14 -0.80
C GLY A 300 23.70 -13.09 -1.65
N PHE A 301 23.12 -13.48 -2.79
CA PHE A 301 22.54 -12.47 -3.67
C PHE A 301 21.31 -11.82 -3.02
N TYR A 302 20.43 -12.63 -2.45
CA TYR A 302 19.32 -12.13 -1.65
C TYR A 302 19.74 -12.09 -0.18
N ARG A 303 19.50 -10.95 0.46
CA ARG A 303 20.03 -10.68 1.80
C ARG A 303 19.06 -11.15 2.88
N SER A 304 19.61 -11.77 3.91
CA SER A 304 18.85 -12.03 5.13
C SER A 304 19.28 -10.99 6.15
N ALA A 305 18.39 -10.08 6.48
CA ALA A 305 18.75 -8.90 7.25
C ALA A 305 18.38 -9.06 8.72
N ARG A 306 19.25 -8.55 9.58
CA ARG A 306 18.94 -8.43 11.00
C ARG A 306 17.75 -7.49 11.17
N HIS A 307 16.86 -7.85 12.09
CA HIS A 307 15.73 -7.01 12.41
C HIS A 307 15.36 -7.20 13.87
N ARG A 308 14.58 -6.25 14.38
CA ARG A 308 14.12 -6.30 15.76
C ARG A 308 12.79 -5.58 15.85
N VAL A 309 12.08 -5.82 16.94
CA VAL A 309 10.84 -5.10 17.22
C VAL A 309 11.03 -4.33 18.53
N VAL A 310 11.02 -3.00 18.46
CA VAL A 310 11.04 -2.16 19.65
C VAL A 310 9.63 -2.09 20.25
N ASN A 311 9.54 -2.18 21.58
CA ASN A 311 8.25 -2.15 22.27
CA ASN A 311 8.25 -2.15 22.27
C ASN A 311 7.95 -0.71 22.67
N HIS A 312 7.16 -0.01 21.83
CA HIS A 312 6.66 1.31 22.16
C HIS A 312 5.15 1.29 22.38
N ASN A 313 4.59 0.11 22.65
CA ASN A 313 3.16 -0.07 22.76
C ASN A 313 2.68 0.32 24.14
N LYS A 314 1.62 1.12 24.20
CA LYS A 314 1.03 1.37 25.51
C LYS A 314 -0.07 0.38 25.81
N LYS A 315 -0.48 -0.40 24.82
CA LYS A 315 -1.48 -1.44 25.00
C LYS A 315 -0.99 -2.69 24.28
N SER A 316 -1.59 -3.83 24.60
CA SER A 316 -1.23 -5.09 23.95
C SER A 316 -1.25 -4.94 22.44
N ARG A 317 -0.30 -5.58 21.77
CA ARG A 317 -0.16 -5.54 20.33
C ARG A 317 -0.13 -6.98 19.81
N TYR A 318 -0.66 -7.20 18.60
CA TYR A 318 -0.70 -8.54 18.05
C TYR A 318 -0.04 -8.55 16.68
N SER A 319 0.48 -9.71 16.29
CA SER A 319 0.99 -9.84 14.93
C SER A 319 0.90 -11.29 14.50
N ALA A 320 1.00 -11.55 13.19
CA ALA A 320 0.91 -12.92 12.68
C ALA A 320 1.91 -13.14 11.56
N PRO A 321 3.14 -13.55 11.90
CA PRO A 321 4.11 -13.95 10.87
C PRO A 321 3.98 -15.42 10.50
N PHE A 322 4.04 -15.64 9.19
CA PHE A 322 4.09 -16.93 8.53
C PHE A 322 5.50 -17.12 8.00
N PHE A 323 6.09 -18.28 8.23
CA PHE A 323 7.47 -18.55 7.85
C PHE A 323 7.50 -19.74 6.92
N LEU A 324 7.96 -19.54 5.69
CA LEU A 324 8.36 -20.63 4.81
C LEU A 324 9.80 -20.97 5.14
N ASN A 325 9.98 -22.08 5.85
CA ASN A 325 11.28 -22.67 5.94
C ASN A 325 11.53 -23.56 4.72
N GLY A 326 10.57 -24.39 4.38
CA GLY A 326 10.68 -25.29 3.25
C GLY A 326 10.85 -26.73 3.68
N ASN A 327 10.83 -27.60 2.67
CA ASN A 327 11.06 -29.03 2.87
C ASN A 327 12.38 -29.24 3.59
N ILE A 328 12.31 -29.86 4.78
CA ILE A 328 13.50 -29.92 5.61
C ILE A 328 14.54 -30.85 5.05
N ASP A 329 14.16 -31.70 4.10
CA ASP A 329 15.10 -32.64 3.51
C ASP A 329 15.64 -32.19 2.16
N LEU A 330 15.18 -31.05 1.63
CA LEU A 330 15.59 -30.62 0.29
C LEU A 330 17.06 -30.23 0.28
N LYS A 331 17.78 -30.70 -0.73
CA LYS A 331 19.20 -30.39 -0.87
C LYS A 331 19.31 -29.28 -1.90
N CYS A 332 19.64 -28.08 -1.44
CA CYS A 332 19.68 -26.88 -2.26
C CYS A 332 21.10 -26.67 -2.77
N LYS A 333 21.25 -26.57 -4.08
CA LYS A 333 22.55 -26.26 -4.67
C LYS A 333 22.63 -24.76 -4.94
N ALA A 334 23.78 -24.17 -4.60
CA ALA A 334 24.00 -22.76 -4.84
C ALA A 334 23.65 -22.40 -6.28
N LEU A 335 22.79 -21.40 -6.41
CA LEU A 335 22.23 -21.02 -7.70
C LEU A 335 23.23 -20.28 -8.59
N ASP A 336 24.40 -19.91 -8.06
CA ASP A 336 25.44 -19.34 -8.89
C ASP A 336 26.33 -20.40 -9.50
N GLY A 337 25.94 -21.67 -9.44
CA GLY A 337 26.70 -22.75 -10.01
C GLY A 337 27.96 -23.12 -9.26
N SER A 338 28.18 -22.56 -8.08
CA SER A 338 29.42 -22.78 -7.34
C SER A 338 29.55 -24.17 -6.73
N GLY A 339 28.55 -25.03 -6.86
CA GLY A 339 28.66 -26.40 -6.40
C GLY A 339 28.49 -26.64 -4.92
N VAL A 340 27.97 -25.69 -4.17
CA VAL A 340 27.76 -25.86 -2.73
C VAL A 340 26.36 -26.45 -2.51
N GLU A 341 26.26 -27.38 -1.56
CA GLU A 341 25.02 -28.11 -1.31
C GLU A 341 24.63 -27.99 0.15
N THR A 342 23.38 -27.59 0.40
CA THR A 342 22.90 -27.35 1.76
C THR A 342 21.53 -27.96 1.96
N VAL A 343 21.37 -28.76 3.03
CA VAL A 343 20.07 -29.32 3.37
C VAL A 343 19.34 -28.36 4.30
N ILE A 344 18.09 -28.03 3.96
CA ILE A 344 17.37 -26.95 4.64
C ILE A 344 17.29 -27.22 6.13
N GLY A 345 16.87 -28.43 6.52
CA GLY A 345 16.74 -28.75 7.93
C GLY A 345 18.07 -28.69 8.66
N GLU A 346 19.13 -29.18 8.03
CA GLU A 346 20.46 -29.10 8.65
C GLU A 346 20.91 -27.65 8.79
N HIS A 347 20.66 -26.82 7.77
CA HIS A 347 21.02 -25.41 7.86
C HIS A 347 20.29 -24.73 9.01
N ILE A 348 18.97 -24.92 9.09
CA ILE A 348 18.21 -24.26 10.15
C ILE A 348 18.63 -24.78 11.52
N ARG A 349 18.88 -26.08 11.67
CA ARG A 349 19.33 -26.55 12.98
C ARG A 349 20.70 -25.98 13.33
N GLN A 350 21.61 -25.90 12.36
CA GLN A 350 22.89 -25.23 12.62
C GLN A 350 22.69 -23.80 13.09
N ARG A 351 21.80 -23.06 12.43
CA ARG A 351 21.55 -21.68 12.85
C ARG A 351 20.97 -21.63 14.26
N LEU A 352 20.10 -22.58 14.61
CA LEU A 352 19.58 -22.62 15.98
C LEU A 352 20.67 -22.95 16.99
N PHE A 353 21.58 -23.86 16.65
CA PHE A 353 22.67 -24.22 17.56
C PHE A 353 23.67 -23.10 17.71
N GLU A 354 23.91 -22.32 16.65
CA GLU A 354 24.85 -21.21 16.75
C GLU A 354 24.22 -19.99 17.41
N THR A 355 22.90 -19.86 17.37
CA THR A 355 22.22 -18.71 17.96
C THR A 355 21.85 -19.09 19.39
N ILE A 356 22.87 -19.07 20.25
CA ILE A 356 22.73 -19.43 21.66
C ILE A 356 22.65 -18.16 22.49
N GLY A 357 23.79 -17.53 22.75
CA GLY A 357 23.85 -16.33 23.55
C GLY A 357 23.33 -15.11 22.80
N PRO B 42 19.36 10.97 -5.25
CA PRO B 42 18.10 10.94 -5.99
C PRO B 42 17.11 9.94 -5.42
N PRO B 43 16.07 10.41 -4.73
CA PRO B 43 15.09 9.49 -4.17
C PRO B 43 14.43 8.67 -5.26
N LYS B 44 14.10 7.43 -4.92
CA LYS B 44 13.51 6.53 -5.88
C LYS B 44 11.99 6.50 -5.83
N THR B 45 11.38 7.10 -4.81
CA THR B 45 9.93 7.01 -4.63
C THR B 45 9.39 8.28 -3.97
N ILE B 46 8.09 8.48 -4.12
CA ILE B 46 7.37 9.44 -3.27
C ILE B 46 6.90 8.67 -2.04
N PRO B 47 6.68 9.32 -0.91
CA PRO B 47 6.36 8.59 0.32
C PRO B 47 4.92 8.08 0.37
N ILE B 48 4.67 7.17 1.32
CA ILE B 48 3.34 6.67 1.61
C ILE B 48 2.88 7.14 2.98
N VAL B 49 1.63 7.61 3.06
CA VAL B 49 1.02 8.02 4.31
C VAL B 49 -0.22 7.17 4.51
N ASP B 50 -0.28 6.50 5.64
CA ASP B 50 -1.47 5.76 6.05
C ASP B 50 -2.25 6.68 6.97
N ILE B 51 -3.48 7.08 6.58
CA ILE B 51 -4.25 8.01 7.38
C ILE B 51 -5.26 7.31 8.27
N SER B 52 -5.13 5.98 8.44
CA SER B 52 -6.08 5.23 9.28
C SER B 52 -6.25 5.85 10.66
N ALA B 53 -5.13 6.23 11.30
CA ALA B 53 -5.22 6.84 12.62
C ALA B 53 -6.15 8.06 12.63
N PHE B 54 -6.25 8.78 11.52
CA PHE B 54 -7.20 9.89 11.50
C PHE B 54 -8.63 9.41 11.25
N ILE B 55 -8.80 8.24 10.62
CA ILE B 55 -10.14 7.76 10.40
C ILE B 55 -10.71 7.25 11.71
N ASP B 56 -9.85 6.82 12.63
CA ASP B 56 -10.28 6.12 13.82
CA ASP B 56 -10.27 6.11 13.83
C ASP B 56 -10.48 7.09 14.98
N ASP B 57 -11.66 7.01 15.61
CA ASP B 57 -11.90 7.79 16.81
C ASP B 57 -11.17 7.20 18.02
N ASN B 58 -10.82 5.91 17.95
CA ASN B 58 -10.12 5.23 19.03
C ASN B 58 -8.65 4.95 18.70
N ALA B 59 -8.01 5.89 18.01
CA ALA B 59 -6.57 5.89 17.82
C ALA B 59 -5.94 6.94 18.73
N SER B 60 -4.73 6.66 19.19
CA SER B 60 -4.04 7.57 20.10
C SER B 60 -3.70 8.88 19.40
N ALA B 61 -3.50 9.93 20.21
CA ALA B 61 -3.09 11.21 19.65
C ALA B 61 -1.68 11.17 19.09
N GLN B 62 -0.85 10.23 19.55
CA GLN B 62 0.49 10.08 18.98
C GLN B 62 0.43 9.49 17.57
N ALA B 63 -0.46 8.52 17.33
CA ALA B 63 -0.60 7.97 15.99
C ALA B 63 -1.14 9.02 15.02
N LYS B 64 -2.14 9.80 15.47
CA LYS B 64 -2.67 10.89 14.66
C LYS B 64 -1.59 11.94 14.38
N ASP B 65 -0.78 12.27 15.40
CA ASP B 65 0.32 13.19 15.20
C ASP B 65 1.31 12.66 14.17
N ASP B 66 1.53 11.34 14.16
CA ASP B 66 2.39 10.73 13.15
C ASP B 66 1.84 10.96 11.75
N VAL B 67 0.53 10.77 11.56
CA VAL B 67 -0.02 11.04 10.23
C VAL B 67 0.22 12.49 9.83
N VAL B 68 -0.06 13.42 10.75
CA VAL B 68 0.12 14.84 10.43
C VAL B 68 1.56 15.12 9.98
N LYS B 69 2.53 14.62 10.75
CA LYS B 69 3.94 14.87 10.44
C LYS B 69 4.34 14.26 9.10
N ALA B 70 3.92 13.02 8.84
CA ALA B 70 4.29 12.35 7.58
C ALA B 70 3.72 13.10 6.37
N MET B 71 2.44 13.46 6.44
CA MET B 71 1.84 14.17 5.31
C MET B 71 2.47 15.54 5.13
N SER B 72 2.73 16.26 6.23
CA SER B 72 3.35 17.57 6.12
C SER B 72 4.71 17.47 5.44
N HIS B 73 5.52 16.50 5.86
CA HIS B 73 6.83 16.33 5.24
C HIS B 73 6.70 16.00 3.75
N ALA B 74 5.79 15.09 3.41
CA ALA B 74 5.61 14.73 2.00
C ALA B 74 5.20 15.94 1.15
N CYS B 75 4.27 16.74 1.66
CA CYS B 75 3.73 17.83 0.85
C CYS B 75 4.65 19.04 0.80
N SER B 76 5.52 19.22 1.80
CA SER B 76 6.49 20.31 1.73
C SER B 76 7.77 19.91 1.01
N THR B 77 8.02 18.60 0.81
CA THR B 77 9.22 18.11 0.14
C THR B 77 8.96 17.75 -1.32
N TYR B 78 7.98 16.88 -1.56
CA TYR B 78 7.68 16.39 -2.89
C TYR B 78 6.39 16.95 -3.50
N GLY B 79 5.47 17.46 -2.69
CA GLY B 79 4.16 17.84 -3.17
C GLY B 79 3.26 16.68 -3.53
N PHE B 80 3.72 15.44 -3.32
CA PHE B 80 3.07 14.22 -3.80
C PHE B 80 3.23 13.16 -2.72
N PHE B 81 2.21 12.32 -2.58
CA PHE B 81 2.38 11.15 -1.72
C PHE B 81 1.29 10.13 -2.01
N TYR B 82 1.58 8.87 -1.73
CA TYR B 82 0.54 7.86 -1.73
C TYR B 82 -0.28 7.93 -0.44
N LEU B 83 -1.59 7.80 -0.56
CA LEU B 83 -2.47 7.79 0.61
C LEU B 83 -3.18 6.45 0.66
N VAL B 84 -3.09 5.78 1.80
CA VAL B 84 -3.80 4.54 2.07
C VAL B 84 -4.55 4.69 3.38
N GLY B 85 -5.42 3.71 3.67
CA GLY B 85 -6.22 3.74 4.88
C GLY B 85 -7.42 4.65 4.83
N HIS B 86 -7.85 5.07 3.62
CA HIS B 86 -8.96 6.00 3.45
C HIS B 86 -10.32 5.34 3.68
N GLY B 87 -10.41 4.02 3.63
CA GLY B 87 -11.67 3.36 3.88
C GLY B 87 -12.65 3.34 2.71
N ILE B 88 -12.30 3.89 1.55
CA ILE B 88 -13.19 3.81 0.39
C ILE B 88 -13.13 2.37 -0.13
N PRO B 89 -14.25 1.66 -0.18
CA PRO B 89 -14.22 0.24 -0.56
C PRO B 89 -13.57 0.01 -1.91
N GLU B 90 -12.81 -1.10 -2.02
CA GLU B 90 -12.16 -1.43 -3.28
C GLU B 90 -13.15 -1.66 -4.41
N VAL B 91 -14.34 -2.19 -4.11
CA VAL B 91 -15.33 -2.40 -5.15
C VAL B 91 -15.83 -1.06 -5.71
N ASP B 92 -15.88 -0.02 -4.86
CA ASP B 92 -16.27 1.31 -5.36
C ASP B 92 -15.24 1.87 -6.33
N ARG B 93 -13.96 1.76 -5.98
CA ARG B 93 -12.88 2.21 -6.84
C ARG B 93 -12.87 1.45 -8.17
N GLN B 94 -13.01 0.13 -8.10
CA GLN B 94 -13.09 -0.65 -9.34
C GLN B 94 -14.31 -0.26 -10.15
N GLN B 95 -15.42 0.09 -9.49
CA GLN B 95 -16.61 0.50 -10.23
C GLN B 95 -16.38 1.82 -10.96
N VAL B 96 -15.67 2.76 -10.32
CA VAL B 96 -15.34 4.01 -11.01
C VAL B 96 -14.50 3.73 -12.26
N LEU B 97 -13.50 2.86 -12.14
CA LEU B 97 -12.73 2.53 -13.35
C LEU B 97 -13.59 1.83 -14.40
N ASP B 98 -14.56 1.03 -13.96
CA ASP B 98 -15.51 0.41 -14.87
C ASP B 98 -16.37 1.46 -15.56
N CYS B 99 -16.77 2.50 -14.84
CA CYS B 99 -17.50 3.61 -15.46
C CYS B 99 -16.67 4.28 -16.53
N ALA B 100 -15.38 4.49 -16.26
CA ALA B 100 -14.49 5.07 -17.28
C ALA B 100 -14.51 4.23 -18.56
N ARG B 101 -14.32 2.92 -18.42
CA ARG B 101 -14.34 2.02 -19.56
C ARG B 101 -15.70 2.00 -20.24
N LEU B 102 -16.77 2.07 -19.46
CA LEU B 102 -18.12 2.06 -20.01
C LEU B 102 -18.35 3.27 -20.88
N PHE B 103 -18.00 4.45 -20.36
CA PHE B 103 -18.14 5.65 -21.15
C PHE B 103 -17.32 5.57 -22.42
N ALA B 104 -16.04 5.18 -22.29
CA ALA B 104 -15.16 5.15 -23.46
C ALA B 104 -15.67 4.23 -24.55
N SER B 105 -16.41 3.17 -24.19
CA SER B 105 -16.93 2.23 -25.18
C SER B 105 -18.05 2.82 -26.04
N LEU B 106 -18.59 3.99 -25.71
CA LEU B 106 -19.63 4.59 -26.54
C LEU B 106 -19.03 5.06 -27.87
N PRO B 107 -19.81 5.04 -28.95
CA PRO B 107 -19.28 5.53 -30.22
C PRO B 107 -19.14 7.05 -30.20
N MET B 108 -18.25 7.54 -31.07
CA MET B 108 -17.89 8.95 -31.05
C MET B 108 -19.12 9.85 -31.19
N ASP B 109 -20.12 9.43 -31.97
CA ASP B 109 -21.30 10.28 -32.18
C ASP B 109 -22.02 10.56 -30.86
N GLU B 110 -22.19 9.52 -30.04
CA GLU B 110 -22.87 9.66 -28.76
C GLU B 110 -22.06 10.53 -27.80
N LYS B 111 -20.77 10.25 -27.67
CA LYS B 111 -19.94 11.07 -26.80
C LYS B 111 -19.94 12.53 -27.24
N MET B 112 -19.80 12.77 -28.54
CA MET B 112 -19.81 14.15 -29.03
C MET B 112 -21.15 14.82 -28.77
N GLY B 113 -22.22 14.04 -28.58
CA GLY B 113 -23.49 14.64 -28.19
C GLY B 113 -23.43 15.47 -26.91
N ILE B 114 -22.49 15.16 -26.01
CA ILE B 114 -22.31 15.95 -24.79
C ILE B 114 -20.90 16.52 -24.72
N SER B 115 -20.36 16.87 -25.88
CA SER B 115 -19.06 17.54 -25.94
C SER B 115 -18.99 18.72 -24.99
N VAL B 116 -17.81 18.96 -24.43
CA VAL B 116 -17.65 20.09 -23.52
C VAL B 116 -17.94 21.42 -24.20
N SER B 117 -17.88 21.46 -25.54
CA SER B 117 -18.28 22.67 -26.26
CA SER B 117 -18.29 22.66 -26.27
C SER B 117 -19.75 23.01 -26.02
N LYS B 118 -20.56 22.03 -25.63
CA LYS B 118 -22.00 22.20 -25.46
C LYS B 118 -22.40 22.44 -24.01
N CYS B 119 -21.46 22.54 -23.08
CA CYS B 119 -21.82 22.74 -21.68
C CYS B 119 -22.31 24.16 -21.45
N MET B 120 -22.73 24.43 -20.22
CA MET B 120 -23.31 25.73 -19.88
C MET B 120 -22.19 26.68 -19.48
N GLY B 121 -22.03 27.76 -20.24
CA GLY B 121 -21.07 28.78 -19.87
C GLY B 121 -19.68 28.21 -19.81
N GLN B 122 -18.96 28.52 -18.73
CA GLN B 122 -17.65 27.91 -18.47
C GLN B 122 -17.70 26.87 -17.36
N SER B 123 -18.79 26.11 -17.31
CA SER B 123 -18.86 25.04 -16.31
C SER B 123 -17.90 23.90 -16.65
N PHE B 124 -17.56 23.73 -17.93
CA PHE B 124 -16.58 22.75 -18.43
C PHE B 124 -16.96 21.31 -18.01
N ARG B 125 -18.10 20.86 -18.53
CA ARG B 125 -18.64 19.54 -18.22
C ARG B 125 -18.91 18.79 -19.51
N GLY B 126 -18.67 17.47 -19.49
CA GLY B 126 -19.06 16.60 -20.58
C GLY B 126 -17.86 15.91 -21.18
N TYR B 127 -17.88 15.75 -22.50
CA TYR B 127 -16.93 14.91 -23.18
C TYR B 127 -15.81 15.76 -23.75
N GLU B 128 -14.58 15.45 -23.36
CA GLU B 128 -13.39 16.04 -23.96
CA GLU B 128 -13.39 16.04 -23.96
C GLU B 128 -12.84 15.06 -24.99
N PRO B 129 -12.94 15.36 -26.29
CA PRO B 129 -12.54 14.39 -27.33
C PRO B 129 -11.04 14.38 -27.53
N PRO B 130 -10.51 13.35 -28.18
CA PRO B 130 -9.07 13.32 -28.47
C PRO B 130 -8.67 14.37 -29.50
N ALA B 131 -7.36 14.56 -29.60
CA ALA B 131 -6.81 15.55 -30.51
C ALA B 131 -6.99 15.15 -31.96
N LEU B 132 -7.03 13.85 -32.25
CA LEU B 132 -7.27 13.33 -33.60
C LEU B 132 -8.19 12.13 -33.50
N GLN B 133 -9.03 11.94 -34.53
CA GLN B 133 -9.90 10.78 -34.58
C GLN B 133 -10.20 10.46 -36.02
N LEU B 134 -10.51 9.18 -36.26
CA LEU B 134 -10.93 8.69 -37.57
C LEU B 134 -12.10 7.72 -37.52
N HIS B 135 -12.35 7.03 -36.40
CA HIS B 135 -13.37 6.00 -36.34
C HIS B 135 -14.39 6.30 -35.26
N GLN B 136 -15.58 5.71 -35.41
CA GLN B 136 -16.57 5.77 -34.34
C GLN B 136 -16.11 5.02 -33.10
N GLU B 137 -15.37 3.93 -33.28
CA GLU B 137 -15.00 3.05 -32.17
C GLU B 137 -13.59 3.33 -31.68
N GLY B 138 -13.42 3.39 -30.36
CA GLY B 138 -12.10 3.37 -29.75
C GLY B 138 -11.34 4.67 -29.94
N LEU B 139 -10.02 4.58 -29.73
CA LEU B 139 -9.11 5.71 -29.86
C LEU B 139 -7.94 5.33 -30.78
N LEU B 140 -7.43 6.31 -31.51
CA LEU B 140 -6.15 6.14 -32.18
C LEU B 140 -5.03 6.16 -31.14
N PRO B 141 -3.95 5.42 -31.38
CA PRO B 141 -2.84 5.41 -30.41
C PRO B 141 -2.29 6.79 -30.15
N ASP B 142 -1.73 6.96 -28.95
CA ASP B 142 -1.15 8.21 -28.48
CA ASP B 142 -1.15 8.19 -28.46
C ASP B 142 -2.18 9.33 -28.36
N THR B 143 -3.46 9.00 -28.26
CA THR B 143 -4.47 10.03 -27.95
C THR B 143 -5.16 9.67 -26.63
N LYS B 144 -6.04 10.56 -26.17
CA LYS B 144 -6.82 10.33 -24.97
C LYS B 144 -8.16 11.06 -25.06
N GLU B 145 -9.11 10.63 -24.23
CA GLU B 145 -10.43 11.24 -24.13
C GLU B 145 -10.85 11.24 -22.68
N ALA B 146 -11.85 12.06 -22.35
CA ALA B 146 -12.27 12.08 -20.96
C ALA B 146 -13.74 12.43 -20.85
N PHE B 147 -14.34 11.99 -19.76
CA PHE B 147 -15.63 12.51 -19.30
C PHE B 147 -15.40 13.30 -18.01
N ILE B 148 -15.89 14.53 -17.97
CA ILE B 148 -15.68 15.38 -16.81
C ILE B 148 -17.05 15.73 -16.26
N PHE B 149 -17.18 15.58 -14.95
CA PHE B 149 -18.39 15.96 -14.25
C PHE B 149 -17.96 16.62 -12.94
N GLY B 150 -18.84 17.44 -12.37
CA GLY B 150 -18.51 18.19 -11.18
C GLY B 150 -19.67 18.29 -10.23
N ARG B 151 -19.64 19.26 -9.32
CA ARG B 151 -20.76 19.47 -8.40
C ARG B 151 -22.01 19.83 -9.17
N GLU B 152 -23.11 19.14 -8.89
CA GLU B 152 -24.35 19.36 -9.64
C GLU B 152 -25.00 20.65 -9.15
N VAL B 153 -25.00 21.67 -9.99
CA VAL B 153 -25.63 22.94 -9.69
C VAL B 153 -26.73 23.15 -10.73
N PRO B 154 -27.96 23.43 -10.31
CA PRO B 154 -29.06 23.49 -11.28
C PRO B 154 -28.91 24.66 -12.23
N ALA B 155 -29.45 24.48 -13.44
CA ALA B 155 -29.33 25.48 -14.49
C ALA B 155 -29.91 26.84 -14.07
N ASP B 156 -30.90 26.87 -13.18
CA ASP B 156 -31.50 28.13 -12.76
C ASP B 156 -30.80 28.75 -11.57
N HIS B 157 -29.77 28.11 -11.04
CA HIS B 157 -28.99 28.70 -9.97
C HIS B 157 -28.25 29.93 -10.49
N PRO B 158 -28.13 30.99 -9.69
CA PRO B 158 -27.40 32.18 -10.15
C PRO B 158 -25.93 31.90 -10.49
N ASP B 159 -25.29 30.92 -9.87
CA ASP B 159 -23.90 30.61 -10.21
C ASP B 159 -23.76 29.72 -11.44
N ALA B 160 -24.85 29.23 -12.03
CA ALA B 160 -24.73 28.28 -13.12
C ALA B 160 -24.08 28.95 -14.33
N GLY B 161 -23.04 28.31 -14.86
CA GLY B 161 -22.34 28.85 -16.00
C GLY B 161 -21.17 29.74 -15.66
N ARG B 162 -21.02 30.17 -14.42
CA ARG B 162 -19.79 30.80 -14.00
C ARG B 162 -18.63 29.80 -14.06
N PHE B 163 -17.41 30.25 -13.76
CA PHE B 163 -16.23 29.41 -13.89
C PHE B 163 -16.41 28.11 -13.13
N SER B 164 -16.29 27.00 -13.86
CA SER B 164 -16.29 25.66 -13.27
C SER B 164 -17.56 25.35 -12.48
N THR B 165 -18.67 26.03 -12.78
CA THR B 165 -19.89 25.89 -12.00
C THR B 165 -21.10 25.78 -12.90
N GLY B 166 -21.94 24.78 -12.65
CA GLY B 166 -23.11 24.56 -13.47
C GLY B 166 -23.60 23.12 -13.43
N PRO B 167 -24.54 22.78 -14.30
CA PRO B 167 -25.04 21.41 -14.34
C PRO B 167 -24.11 20.52 -15.15
N ASN B 168 -24.12 19.25 -14.79
CA ASN B 168 -23.38 18.22 -15.52
C ASN B 168 -24.09 17.89 -16.83
N GLN B 169 -23.31 17.34 -17.76
CA GLN B 169 -23.88 16.70 -18.95
C GLN B 169 -23.79 15.19 -18.74
N TRP B 170 -24.93 14.50 -18.88
CA TRP B 170 -24.93 13.05 -18.68
C TRP B 170 -25.27 12.36 -20.00
N PRO B 171 -24.55 11.29 -20.35
CA PRO B 171 -24.86 10.58 -21.60
C PRO B 171 -26.22 9.88 -21.52
N SER B 172 -27.11 10.21 -22.46
CA SER B 172 -28.45 9.65 -22.46
C SER B 172 -28.44 8.15 -22.73
N SER B 173 -27.36 7.62 -23.31
CA SER B 173 -27.31 6.20 -23.61
C SER B 173 -26.94 5.32 -22.41
N LEU B 174 -26.45 5.89 -21.34
CA LEU B 174 -25.96 5.01 -20.27
C LEU B 174 -26.97 4.89 -19.13
N PRO B 175 -27.26 3.69 -18.63
CA PRO B 175 -28.22 3.57 -17.53
C PRO B 175 -27.73 4.31 -16.31
N ASP B 176 -28.67 4.93 -15.59
CA ASP B 176 -28.32 5.70 -14.40
C ASP B 176 -27.69 4.82 -13.33
N SER B 177 -28.26 3.63 -13.08
CA SER B 177 -27.70 2.76 -12.06
C SER B 177 -26.25 2.37 -12.36
N GLU B 178 -25.82 2.43 -13.61
CA GLU B 178 -24.48 1.99 -13.96
C GLU B 178 -23.50 3.12 -14.21
N PHE B 179 -23.94 4.37 -14.14
CA PHE B 179 -23.03 5.48 -14.44
C PHE B 179 -23.30 6.68 -13.52
N ARG B 180 -24.36 7.44 -13.77
CA ARG B 180 -24.55 8.70 -13.04
C ARG B 180 -24.65 8.48 -11.53
N ILE B 181 -25.45 7.51 -11.11
CA ILE B 181 -25.70 7.28 -9.68
C ILE B 181 -24.43 6.80 -8.94
N PRO B 182 -23.72 5.76 -9.40
CA PRO B 182 -22.47 5.41 -8.68
C PRO B 182 -21.42 6.50 -8.77
N LEU B 183 -21.36 7.28 -9.86
CA LEU B 183 -20.38 8.37 -9.92
C LEU B 183 -20.70 9.45 -8.89
N LEU B 184 -21.98 9.80 -8.72
CA LEU B 184 -22.32 10.82 -7.72
C LEU B 184 -22.10 10.31 -6.29
N LYS B 185 -22.35 9.02 -6.04
CA LYS B 185 -21.99 8.48 -4.73
C LYS B 185 -20.50 8.59 -4.48
N TYR B 186 -19.70 8.23 -5.49
CA TYR B 186 -18.26 8.32 -5.37
C TYR B 186 -17.81 9.75 -5.13
N GLN B 187 -18.49 10.69 -5.78
CA GLN B 187 -18.19 12.09 -5.55
C GLN B 187 -18.38 12.44 -4.08
N GLU B 188 -19.46 11.94 -3.46
CA GLU B 188 -19.64 12.14 -2.02
C GLU B 188 -18.40 11.68 -1.25
N LYS B 189 -17.91 10.48 -1.57
CA LYS B 189 -16.75 9.96 -0.83
C LYS B 189 -15.48 10.77 -1.11
N MET B 190 -15.32 11.25 -2.35
CA MET B 190 -14.15 12.08 -2.64
C MET B 190 -14.18 13.38 -1.84
N VAL B 191 -15.38 13.95 -1.69
CA VAL B 191 -15.52 15.18 -0.92
C VAL B 191 -15.11 14.94 0.54
N GLU B 192 -15.61 13.84 1.12
CA GLU B 192 -15.23 13.47 2.49
C GLU B 192 -13.72 13.31 2.65
N LEU B 193 -13.09 12.63 1.68
CA LEU B 193 -11.65 12.37 1.76
C LEU B 193 -10.83 13.65 1.65
N VAL B 194 -11.19 14.57 0.73
CA VAL B 194 -10.37 15.78 0.65
C VAL B 194 -10.60 16.66 1.88
N LYS B 195 -11.77 16.55 2.50
CA LYS B 195 -11.98 17.32 3.75
C LYS B 195 -11.00 16.80 4.82
N VAL B 196 -10.91 15.48 4.98
CA VAL B 196 -9.95 14.92 5.95
C VAL B 196 -8.52 15.33 5.62
N ILE B 197 -8.13 15.20 4.34
CA ILE B 197 -6.79 15.62 3.93
C ILE B 197 -6.53 17.07 4.32
N LEU B 198 -7.50 17.96 4.06
CA LEU B 198 -7.29 19.36 4.38
C LEU B 198 -7.09 19.56 5.88
N LYS B 199 -7.85 18.82 6.71
CA LYS B 199 -7.64 18.93 8.16
C LYS B 199 -6.23 18.52 8.57
N ILE B 200 -5.73 17.41 8.00
CA ILE B 200 -4.39 16.93 8.32
C ILE B 200 -3.34 17.97 7.90
N LEU B 201 -3.48 18.50 6.67
CA LEU B 201 -2.58 19.52 6.17
C LEU B 201 -2.62 20.80 7.00
N ALA B 202 -3.79 21.14 7.53
CA ALA B 202 -3.90 22.33 8.35
C ALA B 202 -3.14 22.14 9.65
N ARG B 203 -3.13 20.91 10.18
CA ARG B 203 -2.32 20.62 11.36
C ARG B 203 -0.82 20.58 11.07
N GLY B 204 -0.41 20.52 9.81
CA GLY B 204 0.98 20.42 9.44
C GLY B 204 1.69 21.71 9.12
N LEU B 205 1.02 22.85 9.17
CA LEU B 205 1.64 24.12 8.83
C LEU B 205 2.67 24.52 9.89
N PRO B 206 3.57 25.46 9.57
CA PRO B 206 4.53 25.93 10.58
C PRO B 206 3.83 26.43 11.84
N LYS B 207 4.36 26.03 12.99
CA LYS B 207 3.74 26.42 14.25
C LYS B 207 3.82 27.92 14.48
N GLU B 208 4.87 28.57 13.97
CA GLU B 208 5.01 30.01 14.13
C GLU B 208 3.88 30.77 13.45
N TRP B 209 3.14 30.13 12.54
CA TRP B 209 2.04 30.82 11.85
C TRP B 209 0.75 30.85 12.63
N ASN B 210 0.58 29.97 13.60
CA ASN B 210 -0.64 29.88 14.40
C ASN B 210 -1.85 29.72 13.50
N CYS B 211 -1.82 28.66 12.71
CA CYS B 211 -2.99 28.44 11.86
C CYS B 211 -4.00 27.56 12.58
N PRO B 212 -5.28 27.92 12.57
CA PRO B 212 -6.30 27.07 13.19
C PRO B 212 -6.51 25.81 12.38
N PRO B 213 -7.05 24.75 12.98
CA PRO B 213 -7.25 23.50 12.23
C PRO B 213 -8.28 23.61 11.11
N ASP B 214 -9.09 24.66 11.08
CA ASP B 214 -10.09 24.83 10.04
C ASP B 214 -9.64 25.82 8.98
N VAL B 215 -8.35 26.09 8.89
CA VAL B 215 -7.88 27.18 8.04
C VAL B 215 -8.32 27.00 6.59
N PHE B 216 -8.44 25.76 6.13
CA PHE B 216 -8.80 25.46 4.73
C PHE B 216 -10.28 25.13 4.51
N ASP B 217 -11.09 25.09 5.56
CA ASP B 217 -12.42 24.50 5.41
C ASP B 217 -13.33 25.30 4.49
N ALA B 218 -13.14 26.63 4.38
CA ALA B 218 -14.00 27.43 3.52
C ALA B 218 -13.84 27.10 2.03
N ALA B 219 -12.74 26.45 1.65
CA ALA B 219 -12.57 25.94 0.29
C ALA B 219 -13.54 24.81 -0.03
N THR B 220 -14.02 24.09 1.00
CA THR B 220 -14.88 22.92 0.82
C THR B 220 -16.37 23.24 0.74
N VAL B 221 -16.78 24.50 0.85
CA VAL B 221 -18.20 24.86 0.76
C VAL B 221 -18.52 25.26 -0.66
N GLU B 222 -19.61 24.70 -1.20
CA GLU B 222 -19.98 24.93 -2.59
C GLU B 222 -18.75 24.91 -3.48
N PRO B 223 -17.91 23.89 -3.42
CA PRO B 223 -16.61 23.95 -4.10
C PRO B 223 -16.74 23.59 -5.57
N SER B 224 -15.73 24.02 -6.33
CA SER B 224 -15.46 23.46 -7.66
C SER B 224 -14.70 22.15 -7.45
N ILE B 225 -15.30 21.04 -7.87
CA ILE B 225 -14.70 19.72 -7.67
C ILE B 225 -14.78 18.90 -8.94
N PRO B 226 -14.11 19.30 -10.03
CA PRO B 226 -14.22 18.51 -11.26
C PRO B 226 -13.52 17.17 -11.09
N MET B 227 -14.10 16.14 -11.70
CA MET B 227 -13.55 14.80 -11.75
C MET B 227 -13.55 14.30 -13.19
N ARG B 228 -12.49 13.60 -13.57
CA ARG B 228 -12.34 13.06 -14.90
C ARG B 228 -12.33 11.54 -14.89
N LEU B 229 -13.00 10.95 -15.88
CA LEU B 229 -12.86 9.55 -16.26
C LEU B 229 -12.03 9.57 -17.53
N LEU B 230 -10.76 9.20 -17.40
CA LEU B 230 -9.78 9.33 -18.46
C LEU B 230 -9.52 7.99 -19.14
N HIS B 231 -9.50 8.04 -20.47
CA HIS B 231 -9.14 6.90 -21.31
C HIS B 231 -7.95 7.31 -22.18
N TYR B 232 -6.80 6.69 -21.94
CA TYR B 232 -5.59 6.83 -22.73
C TYR B 232 -5.49 5.67 -23.71
N ALA B 233 -5.29 5.99 -24.99
CA ALA B 233 -5.03 4.97 -26.00
C ALA B 233 -3.63 4.39 -25.79
N PRO B 234 -3.34 3.21 -26.37
CA PRO B 234 -1.97 2.68 -26.24
C PRO B 234 -0.97 3.61 -26.92
N GLN B 235 0.29 3.41 -26.60
CA GLN B 235 1.33 4.14 -27.29
C GLN B 235 1.35 3.70 -28.75
N SER B 236 1.99 4.50 -29.59
CA SER B 236 2.23 4.10 -30.96
C SER B 236 3.55 3.34 -31.03
N GLU B 237 3.88 2.84 -32.22
CA GLU B 237 5.13 2.13 -32.42
C GLU B 237 6.32 3.05 -32.68
N GLU B 238 6.06 4.33 -32.96
CA GLU B 238 7.14 5.29 -33.19
C GLU B 238 8.04 5.36 -31.95
N ASN B 239 9.21 5.96 -32.13
CA ASN B 239 10.28 5.82 -31.15
C ASN B 239 10.22 6.83 -30.01
N LYS B 240 10.09 8.13 -30.33
CA LYS B 240 10.17 9.15 -29.30
C LYS B 240 9.26 8.85 -28.12
N LYS B 241 9.67 9.30 -26.95
CA LYS B 241 8.92 9.05 -25.73
C LYS B 241 7.55 9.72 -25.83
N GLN B 242 6.52 9.03 -25.36
CA GLN B 242 5.15 9.48 -25.51
C GLN B 242 4.50 9.62 -24.14
N PHE B 243 3.58 10.57 -24.03
CA PHE B 243 3.01 10.97 -22.76
C PHE B 243 1.50 10.95 -22.84
N GLY B 244 0.85 10.42 -21.79
CA GLY B 244 -0.58 10.63 -21.67
C GLY B 244 -0.91 12.09 -21.39
N VAL B 245 -0.11 12.73 -20.54
CA VAL B 245 -0.17 14.18 -20.35
C VAL B 245 1.25 14.68 -20.14
N GLY B 246 1.55 15.84 -20.72
CA GLY B 246 2.87 16.43 -20.61
C GLY B 246 3.08 17.08 -19.25
N ASP B 247 4.31 17.53 -19.06
CA ASP B 247 4.74 18.31 -17.90
C ASP B 247 3.78 19.46 -17.59
N HIS B 248 3.21 19.45 -16.39
CA HIS B 248 2.30 20.51 -16.00
C HIS B 248 2.20 20.53 -14.47
N THR B 249 1.56 21.58 -13.96
CA THR B 249 1.09 21.60 -12.58
C THR B 249 -0.44 21.63 -12.59
N ASP B 250 -1.01 21.08 -11.52
CA ASP B 250 -2.43 21.25 -11.24
C ASP B 250 -2.67 22.62 -10.63
N PHE B 251 -3.79 23.24 -10.99
CA PHE B 251 -4.01 24.62 -10.63
C PHE B 251 -4.74 24.78 -9.31
N GLY B 252 -5.40 23.74 -8.84
CA GLY B 252 -6.32 23.84 -7.72
C GLY B 252 -5.65 23.65 -6.38
N ASN B 253 -6.40 23.10 -5.44
CA ASN B 253 -5.89 22.95 -4.09
C ASN B 253 -5.31 21.56 -3.87
N VAL B 254 -6.14 20.52 -3.98
CA VAL B 254 -5.67 19.15 -3.73
C VAL B 254 -6.21 18.25 -4.83
N SER B 255 -5.38 17.35 -5.32
CA SER B 255 -5.77 16.39 -6.34
C SER B 255 -5.64 14.96 -5.80
N VAL B 256 -6.60 14.10 -6.17
CA VAL B 256 -6.74 12.73 -5.68
C VAL B 256 -6.88 11.81 -6.91
N LEU B 257 -5.87 10.99 -7.15
CA LEU B 257 -5.78 10.21 -8.38
C LEU B 257 -6.00 8.72 -8.07
N LEU B 258 -7.01 8.12 -8.71
CA LEU B 258 -7.15 6.67 -8.75
C LEU B 258 -6.51 6.16 -10.04
N GLN B 259 -5.48 5.32 -9.90
CA GLN B 259 -4.81 4.71 -11.04
C GLN B 259 -5.31 3.28 -11.26
N GLU B 260 -5.22 2.85 -12.52
CA GLU B 260 -5.46 1.47 -12.90
C GLU B 260 -4.15 0.71 -12.83
N GLU B 261 -4.22 -0.54 -12.42
CA GLU B 261 -3.04 -1.39 -12.41
C GLU B 261 -2.45 -1.50 -13.80
N GLY B 262 -1.13 -1.45 -13.88
CA GLY B 262 -0.44 -1.53 -15.14
C GLY B 262 0.96 -0.98 -15.00
N THR B 263 1.57 -0.73 -16.15
CA THR B 263 2.92 -0.19 -16.20
C THR B 263 2.93 1.23 -15.64
N VAL B 264 4.12 1.69 -15.28
CA VAL B 264 4.27 3.02 -14.70
C VAL B 264 3.99 4.08 -15.76
N GLY B 265 3.10 5.02 -15.44
CA GLY B 265 2.96 6.21 -16.26
C GLY B 265 3.38 7.47 -15.54
N LEU B 266 2.81 7.70 -14.37
CA LEU B 266 2.96 8.99 -13.71
C LEU B 266 4.39 9.18 -13.20
N GLU B 267 4.95 10.37 -13.43
CA GLU B 267 6.25 10.76 -12.92
C GLU B 267 6.15 12.18 -12.38
N VAL B 268 6.91 12.43 -11.33
CA VAL B 268 6.90 13.68 -10.57
C VAL B 268 8.27 14.32 -10.64
N TRP B 269 8.33 15.60 -11.01
CA TRP B 269 9.61 16.30 -11.10
C TRP B 269 10.08 16.68 -9.70
N TYR B 270 11.28 16.23 -9.35
CA TYR B 270 11.92 16.55 -8.09
C TYR B 270 13.11 17.47 -8.35
N PRO B 271 13.00 18.75 -7.98
CA PRO B 271 14.01 19.75 -8.36
C PRO B 271 15.39 19.46 -7.78
N PRO B 272 15.51 19.13 -6.48
CA PRO B 272 16.86 19.07 -5.87
C PRO B 272 17.83 18.15 -6.58
N THR B 273 17.36 17.00 -7.06
CA THR B 273 18.17 16.09 -7.84
C THR B 273 17.87 16.16 -9.33
N GLU B 274 16.93 17.03 -9.74
CA GLU B 274 16.57 17.16 -11.15
C GLU B 274 16.16 15.82 -11.73
N THR B 275 15.21 15.16 -11.07
CA THR B 275 14.85 13.81 -11.47
C THR B 275 13.34 13.67 -11.60
N TRP B 276 12.94 12.87 -12.56
CA TRP B 276 11.54 12.47 -12.66
C TRP B 276 11.37 11.19 -11.84
N ILE B 277 10.63 11.29 -10.73
CA ILE B 277 10.37 10.14 -9.87
C ILE B 277 9.19 9.36 -10.43
N PRO B 278 9.35 8.09 -10.74
CA PRO B 278 8.20 7.29 -11.16
C PRO B 278 7.27 7.02 -9.99
N VAL B 279 5.98 6.93 -10.30
CA VAL B 279 4.96 6.73 -9.28
C VAL B 279 4.15 5.50 -9.69
N PRO B 280 4.65 4.28 -9.47
CA PRO B 280 3.89 3.11 -9.85
C PRO B 280 2.57 3.03 -9.10
N VAL B 281 1.66 2.23 -9.65
CA VAL B 281 0.39 1.97 -8.99
C VAL B 281 0.65 1.14 -7.74
N ILE B 282 0.04 1.54 -6.62
CA ILE B 282 0.10 0.77 -5.37
C ILE B 282 -1.32 0.43 -4.97
N SER B 283 -1.61 -0.87 -4.85
CA SER B 283 -2.95 -1.33 -4.51
C SER B 283 -3.48 -0.60 -3.29
N GLY B 284 -4.76 -0.25 -3.34
CA GLY B 284 -5.39 0.37 -2.18
C GLY B 284 -5.11 1.84 -2.00
N SER B 285 -4.24 2.44 -2.83
CA SER B 285 -3.83 3.81 -2.62
C SER B 285 -4.52 4.78 -3.57
N TYR B 286 -4.55 6.04 -3.15
CA TYR B 286 -4.69 7.16 -4.06
C TYR B 286 -3.35 7.86 -4.17
N VAL B 287 -3.11 8.56 -5.28
CA VAL B 287 -1.98 9.46 -5.36
C VAL B 287 -2.49 10.87 -5.08
N ILE B 288 -1.90 11.47 -4.06
CA ILE B 288 -2.33 12.83 -3.64
C ILE B 288 -1.25 13.83 -4.01
N ASN B 289 -1.68 14.96 -4.54
CA ASN B 289 -0.70 16.05 -4.80
C ASN B 289 -1.36 17.40 -4.50
N MET B 290 -0.51 18.34 -4.17
CA MET B 290 -0.99 19.72 -3.92
C MET B 290 -1.01 20.47 -5.25
N GLY B 291 -1.94 21.41 -5.38
CA GLY B 291 -2.01 22.26 -6.56
C GLY B 291 -1.46 23.66 -6.32
N ASP B 292 -1.41 24.42 -7.43
CA ASP B 292 -0.84 25.77 -7.37
C ASP B 292 -1.59 26.65 -6.38
N MET B 293 -2.90 26.45 -6.21
CA MET B 293 -3.65 27.27 -5.27
C MET B 293 -3.24 26.99 -3.84
N MET B 294 -3.00 25.71 -3.51
CA MET B 294 -2.50 25.37 -2.19
C MET B 294 -1.11 25.96 -1.96
N GLN B 295 -0.23 25.84 -2.95
CA GLN B 295 1.10 26.44 -2.86
C GLN B 295 1.01 27.93 -2.58
N LYS B 296 0.14 28.62 -3.33
CA LYS B 296 -0.04 30.07 -3.16
C LYS B 296 -0.59 30.36 -1.77
N TRP B 297 -1.63 29.63 -1.37
CA TRP B 297 -2.27 29.80 -0.07
C TRP B 297 -1.29 29.64 1.08
N THR B 298 -0.39 28.66 0.98
CA THR B 298 0.58 28.39 2.03
C THR B 298 1.90 29.10 1.81
N ALA B 299 1.94 30.06 0.89
CA ALA B 299 3.13 30.88 0.64
C ALA B 299 4.35 30.02 0.31
N GLY B 300 4.13 28.91 -0.39
CA GLY B 300 5.20 28.05 -0.86
C GLY B 300 5.59 26.90 0.05
N PHE B 301 5.01 26.79 1.24
CA PHE B 301 5.43 25.72 2.14
C PHE B 301 4.96 24.37 1.64
N TYR B 302 3.73 24.27 1.14
CA TYR B 302 3.31 23.07 0.44
C TYR B 302 3.54 23.24 -1.05
N ARG B 303 4.26 22.28 -1.65
CA ARG B 303 4.76 22.42 -3.00
C ARG B 303 3.75 21.89 -4.00
N SER B 304 3.57 22.64 -5.09
CA SER B 304 2.82 22.17 -6.25
C SER B 304 3.86 21.68 -7.25
N ALA B 305 3.87 20.38 -7.52
CA ALA B 305 4.95 19.76 -8.27
C ALA B 305 4.56 19.52 -9.73
N ARG B 306 5.50 19.79 -10.62
CA ARG B 306 5.34 19.41 -12.01
C ARG B 306 5.22 17.90 -12.11
N HIS B 307 4.32 17.43 -12.97
CA HIS B 307 4.18 15.99 -13.17
C HIS B 307 3.72 15.72 -14.59
N ARG B 308 3.88 14.47 -15.00
CA ARG B 308 3.51 14.05 -16.34
C ARG B 308 3.16 12.57 -16.29
N VAL B 309 2.48 12.10 -17.32
CA VAL B 309 2.20 10.67 -17.47
C VAL B 309 2.91 10.18 -18.71
N VAL B 310 3.87 9.28 -18.52
CA VAL B 310 4.50 8.60 -19.66
C VAL B 310 3.58 7.49 -20.12
N ASN B 311 3.48 7.29 -21.44
CA ASN B 311 2.61 6.24 -21.98
C ASN B 311 3.47 5.05 -22.37
N HIS B 312 3.52 4.04 -21.48
CA HIS B 312 4.17 2.76 -21.76
C HIS B 312 3.15 1.66 -22.01
N ASN B 313 1.90 2.05 -22.28
CA ASN B 313 0.80 1.10 -22.38
C ASN B 313 0.76 0.48 -23.77
N LYS B 314 0.62 -0.85 -23.81
CA LYS B 314 0.36 -1.57 -25.04
C LYS B 314 -1.14 -1.77 -25.27
N LYS B 315 -1.96 -1.47 -24.27
CA LYS B 315 -3.41 -1.51 -24.38
C LYS B 315 -3.95 -0.27 -23.69
N SER B 316 -5.22 0.04 -23.97
CA SER B 316 -5.88 1.19 -23.34
C SER B 316 -5.69 1.19 -21.83
N ARG B 317 -5.52 2.37 -21.27
CA ARG B 317 -5.32 2.58 -19.84
C ARG B 317 -6.34 3.60 -19.35
N TYR B 318 -6.80 3.44 -18.11
CA TYR B 318 -7.85 4.30 -17.55
C TYR B 318 -7.40 4.87 -16.21
N SER B 319 -7.94 6.06 -15.90
CA SER B 319 -7.69 6.64 -14.58
C SER B 319 -8.85 7.56 -14.22
N ALA B 320 -8.91 7.90 -12.93
CA ALA B 320 -10.01 8.71 -12.42
C ALA B 320 -9.45 9.69 -11.39
N PRO B 321 -8.99 10.87 -11.85
CA PRO B 321 -8.60 11.93 -10.91
C PRO B 321 -9.74 12.85 -10.53
N PHE B 322 -9.80 13.13 -9.22
CA PHE B 322 -10.71 14.10 -8.62
C PHE B 322 -9.91 15.30 -8.16
N PHE B 323 -10.39 16.50 -8.47
CA PHE B 323 -9.66 17.73 -8.16
C PHE B 323 -10.51 18.61 -7.25
N LEU B 324 -9.99 18.89 -6.05
CA LEU B 324 -10.54 19.97 -5.25
C LEU B 324 -9.87 21.27 -5.68
N ASN B 325 -10.62 22.07 -6.44
CA ASN B 325 -10.27 23.45 -6.70
C ASN B 325 -10.67 24.34 -5.52
N GLY B 326 -11.89 24.18 -5.02
CA GLY B 326 -12.39 24.96 -3.92
C GLY B 326 -13.47 25.93 -4.37
N ASN B 327 -14.05 26.62 -3.38
CA ASN B 327 -15.01 27.69 -3.68
C ASN B 327 -14.39 28.74 -4.59
N ILE B 328 -14.98 28.94 -5.77
CA ILE B 328 -14.34 29.81 -6.75
C ILE B 328 -14.31 31.27 -6.29
N ASP B 329 -15.14 31.65 -5.31
CA ASP B 329 -15.19 33.03 -4.84
C ASP B 329 -14.37 33.25 -3.56
N LEU B 330 -13.77 32.19 -3.01
CA LEU B 330 -13.08 32.31 -1.72
C LEU B 330 -11.84 33.19 -1.84
N LYS B 331 -11.66 34.06 -0.84
CA LYS B 331 -10.52 34.96 -0.75
C LYS B 331 -9.50 34.38 0.22
N CYS B 332 -8.40 33.85 -0.31
CA CYS B 332 -7.39 33.17 0.46
C CYS B 332 -6.26 34.13 0.81
N LYS B 333 -5.99 34.28 2.10
CA LYS B 333 -4.89 35.12 2.59
C LYS B 333 -3.68 34.24 2.91
N ALA B 334 -2.50 34.68 2.46
CA ALA B 334 -1.25 33.96 2.71
C ALA B 334 -1.08 33.65 4.18
N LEU B 335 -0.88 32.38 4.50
CA LEU B 335 -0.87 31.91 5.89
C LEU B 335 0.38 32.26 6.67
N ASP B 336 1.43 32.79 6.04
CA ASP B 336 2.59 33.28 6.76
C ASP B 336 2.46 34.76 7.14
N GLY B 337 1.24 35.30 7.09
CA GLY B 337 0.99 36.68 7.46
C GLY B 337 1.47 37.71 6.47
N SER B 338 1.90 37.30 5.28
CA SER B 338 2.48 38.21 4.32
C SER B 338 1.44 39.15 3.71
N GLY B 339 0.16 39.00 4.06
CA GLY B 339 -0.87 39.92 3.60
C GLY B 339 -1.30 39.73 2.17
N VAL B 340 -0.94 38.64 1.52
CA VAL B 340 -1.29 38.43 0.11
C VAL B 340 -2.66 37.76 0.04
N GLU B 341 -3.48 38.22 -0.89
CA GLU B 341 -4.87 37.78 -1.03
C GLU B 341 -5.11 37.31 -2.45
N THR B 342 -5.67 36.12 -2.59
CA THR B 342 -5.89 35.52 -3.89
C THR B 342 -7.29 34.92 -3.94
N VAL B 343 -8.06 35.27 -4.95
CA VAL B 343 -9.36 34.65 -5.14
C VAL B 343 -9.16 33.36 -5.94
N ILE B 344 -9.71 32.26 -5.45
CA ILE B 344 -9.37 30.95 -6.04
C ILE B 344 -9.69 30.94 -7.53
N GLY B 345 -10.92 31.34 -7.89
CA GLY B 345 -11.29 31.34 -9.29
C GLY B 345 -10.45 32.28 -10.14
N GLU B 346 -10.12 33.46 -9.61
CA GLU B 346 -9.28 34.38 -10.37
C GLU B 346 -7.89 33.79 -10.59
N HIS B 347 -7.33 33.14 -9.56
CA HIS B 347 -6.02 32.52 -9.71
C HIS B 347 -6.04 31.40 -10.75
N ILE B 348 -7.05 30.52 -10.69
CA ILE B 348 -7.08 29.41 -11.64
C ILE B 348 -7.23 29.93 -13.06
N ARG B 349 -8.08 30.96 -13.24
CA ARG B 349 -8.25 31.55 -14.56
C ARG B 349 -6.95 32.17 -15.05
N GLN B 350 -6.24 32.86 -14.16
CA GLN B 350 -4.92 33.41 -14.45
C GLN B 350 -3.97 32.31 -14.91
N ARG B 351 -3.95 31.19 -14.17
CA ARG B 351 -3.06 30.08 -14.52
C ARG B 351 -3.40 29.51 -15.88
N LEU B 352 -4.70 29.43 -16.20
CA LEU B 352 -5.10 28.97 -17.52
C LEU B 352 -4.61 29.93 -18.59
N PHE B 353 -4.63 31.23 -18.28
CA PHE B 353 -4.12 32.25 -19.19
C PHE B 353 -2.61 32.15 -19.37
N GLU B 354 -1.89 31.77 -18.31
CA GLU B 354 -0.44 31.67 -18.41
C GLU B 354 0.01 30.40 -19.11
N THR B 355 -0.78 29.34 -19.03
CA THR B 355 -0.44 28.07 -19.65
C THR B 355 -1.14 27.87 -20.98
#